data_2PKW
#
_entry.id   2PKW
#
_cell.length_a   41.967
_cell.length_b   70.248
_cell.length_c   77.788
_cell.angle_alpha   90.00
_cell.angle_beta   90.00
_cell.angle_gamma   90.00
#
_symmetry.space_group_name_H-M   'P 21 21 21'
#
loop_
_entity.id
_entity.type
_entity.pdbx_description
1 polymer 'UPF0341 protein yhiQ'
2 non-polymer 2-AMINO-2-HYDROXYMETHYL-PROPANE-1,3-DIOL
3 water water
#
_entity_poly.entity_id   1
_entity_poly.type   'polypeptide(L)'
_entity_poly.pdbx_seq_one_letter_code
;(MSE)QICL(MSE)DETGATDGALSVLAARWGLEHDEDNP(MSE)ALV(MSE)TPQHLELRKRDEPKLGGIFVDFVGGA
(MSE)AHRRKFGGGRGEAVAKAVGIKGDYLPDVVDATAGLGRDAFVLASVGCRVR(MSE)LERNPVVAALLDDGLTRGYA
DADIGGWLQERLQLIHASSLTALTDITPRPQVVYLDP(MSE)FPHRQKSALVKKE(MSE)RVFQSLVGPDLDADGLLEPA
RQLATKRVVVKRPDYAPPLADVATPNAIVTKGHRFDIYAGTPLTELEHHHHHH
;
_entity_poly.pdbx_strand_id   A
#
# COMPACT_ATOMS: atom_id res chain seq x y z
N GLN A 2 -15.80 5.35 -11.35
CA GLN A 2 -15.66 6.44 -12.30
C GLN A 2 -14.32 7.16 -12.14
N ILE A 3 -13.74 7.51 -13.28
CA ILE A 3 -12.46 8.21 -13.31
C ILE A 3 -12.30 8.76 -14.72
N CYS A 4 -11.57 9.85 -14.87
CA CYS A 4 -11.35 10.40 -16.21
C CYS A 4 -10.14 9.72 -16.80
N LEU A 5 -10.37 8.82 -17.75
CA LEU A 5 -9.29 8.11 -18.40
C LEU A 5 -8.69 8.99 -19.51
N ASP A 7 -5.48 9.23 -22.52
CA ASP A 7 -4.46 8.51 -23.27
C ASP A 7 -3.39 9.44 -23.80
N GLU A 8 -2.15 9.22 -23.39
CA GLU A 8 -1.03 10.03 -23.85
C GLU A 8 0.10 9.11 -24.35
N THR A 9 -0.27 7.95 -24.89
CA THR A 9 0.72 7.01 -25.41
C THR A 9 0.87 7.15 -26.91
N GLY A 10 -0.19 7.63 -27.56
CA GLY A 10 -0.16 7.78 -29.00
C GLY A 10 0.13 6.46 -29.67
N ALA A 11 -0.56 5.41 -29.24
CA ALA A 11 -0.35 4.07 -29.80
C ALA A 11 -1.61 3.53 -30.46
N THR A 12 -2.74 4.16 -30.17
CA THR A 12 -4.03 3.75 -30.75
C THR A 12 -4.28 2.24 -30.83
N ASP A 13 -3.69 1.47 -29.90
CA ASP A 13 -3.87 0.02 -29.87
C ASP A 13 -5.06 -0.41 -29.01
N GLY A 14 -5.64 0.53 -28.26
CA GLY A 14 -6.79 0.23 -27.43
C GLY A 14 -6.42 -0.19 -26.01
N ALA A 15 -5.15 -0.05 -25.66
CA ALA A 15 -4.67 -0.42 -24.34
C ALA A 15 -5.48 0.22 -23.22
N LEU A 16 -5.72 1.52 -23.32
CA LEU A 16 -6.48 2.23 -22.30
C LEU A 16 -7.87 1.66 -22.11
N SER A 17 -8.52 1.30 -23.20
CA SER A 17 -9.87 0.73 -23.13
C SER A 17 -9.87 -0.65 -22.46
N VAL A 18 -8.83 -1.43 -22.73
CA VAL A 18 -8.69 -2.76 -22.13
C VAL A 18 -8.44 -2.62 -20.63
N LEU A 19 -7.52 -1.73 -20.27
CA LEU A 19 -7.20 -1.49 -18.88
C LEU A 19 -8.48 -1.14 -18.10
N ALA A 20 -9.27 -0.22 -18.64
CA ALA A 20 -10.52 0.16 -17.98
C ALA A 20 -11.42 -1.06 -17.82
N ALA A 21 -11.58 -1.86 -18.87
CA ALA A 21 -12.42 -3.04 -18.76
C ALA A 21 -11.83 -4.01 -17.72
N ARG A 22 -10.50 -4.14 -17.75
CA ARG A 22 -9.75 -5.01 -16.85
C ARG A 22 -9.99 -4.70 -15.36
N TRP A 23 -10.04 -3.42 -15.02
CA TRP A 23 -10.22 -2.96 -13.64
C TRP A 23 -11.61 -2.40 -13.33
N GLY A 24 -12.56 -2.60 -14.23
CA GLY A 24 -13.92 -2.12 -14.02
C GLY A 24 -14.05 -0.61 -13.85
N LEU A 25 -13.26 0.15 -14.61
CA LEU A 25 -13.32 1.60 -14.53
C LEU A 25 -14.29 2.13 -15.58
N GLU A 26 -14.95 3.23 -15.27
CA GLU A 26 -15.88 3.84 -16.20
C GLU A 26 -15.47 5.28 -16.44
N HIS A 27 -15.22 5.60 -17.71
CA HIS A 27 -14.79 6.93 -18.09
C HIS A 27 -15.78 8.00 -17.65
N ASP A 28 -15.25 9.02 -16.97
CA ASP A 28 -16.06 10.11 -16.47
C ASP A 28 -15.35 11.41 -16.81
N GLU A 29 -15.76 12.00 -17.94
CA GLU A 29 -15.15 13.24 -18.44
C GLU A 29 -15.12 14.38 -17.42
N ASP A 30 -16.12 14.45 -16.56
CA ASP A 30 -16.21 15.49 -15.56
C ASP A 30 -15.60 15.11 -14.20
N ASN A 31 -14.98 13.93 -14.13
CA ASN A 31 -14.38 13.53 -12.85
C ASN A 31 -13.24 14.46 -12.48
N PRO A 32 -13.06 14.73 -11.18
CA PRO A 32 -11.98 15.60 -10.72
C PRO A 32 -10.60 14.94 -10.83
N ALA A 34 -7.95 12.13 -12.86
CA ALA A 34 -7.68 11.53 -14.17
C ALA A 34 -6.64 10.43 -14.02
N LEU A 35 -6.86 9.31 -14.71
CA LEU A 35 -5.92 8.19 -14.71
C LEU A 35 -5.31 8.32 -16.11
N VAL A 36 -4.01 8.59 -16.18
CA VAL A 36 -3.36 8.81 -17.45
C VAL A 36 -2.35 7.76 -17.83
N THR A 38 0.76 6.86 -19.97
CA THR A 38 1.82 7.50 -20.76
C THR A 38 2.57 6.39 -21.47
N PRO A 39 3.52 6.74 -22.36
CA PRO A 39 4.25 5.68 -23.06
C PRO A 39 5.08 4.82 -22.09
N GLN A 40 5.36 5.38 -20.92
CA GLN A 40 6.17 4.68 -19.92
C GLN A 40 5.35 4.06 -18.79
N HIS A 41 4.50 4.86 -18.15
CA HIS A 41 3.71 4.38 -17.04
C HIS A 41 2.26 4.84 -17.01
N LEU A 42 1.58 4.48 -15.93
CA LEU A 42 0.20 4.85 -15.68
C LEU A 42 0.26 5.76 -14.44
N GLU A 43 -0.25 6.99 -14.55
CA GLU A 43 -0.20 7.91 -13.41
C GLU A 43 -1.54 8.55 -13.06
N LEU A 44 -1.59 9.17 -11.89
CA LEU A 44 -2.80 9.84 -11.38
C LEU A 44 -2.57 11.36 -11.34
N ARG A 45 -3.57 12.13 -11.77
CA ARG A 45 -3.46 13.59 -11.74
C ARG A 45 -4.70 14.21 -11.12
N LYS A 46 -4.49 15.32 -10.41
CA LYS A 46 -5.58 16.06 -9.80
C LYS A 46 -5.88 17.20 -10.79
N ARG A 47 -6.71 16.90 -11.77
CA ARG A 47 -7.08 17.83 -12.84
C ARG A 47 -7.14 19.33 -12.54
N ASP A 48 -7.78 19.73 -11.44
CA ASP A 48 -7.86 21.17 -11.13
C ASP A 48 -6.53 21.74 -10.63
N GLU A 49 -5.51 20.89 -10.57
CA GLU A 49 -4.19 21.32 -10.13
C GLU A 49 -3.10 20.73 -11.01
N PRO A 50 -2.91 21.29 -12.20
CA PRO A 50 -1.89 20.83 -13.15
C PRO A 50 -0.48 20.91 -12.57
N LYS A 51 -0.18 22.03 -11.93
CA LYS A 51 1.14 22.25 -11.34
C LYS A 51 1.56 21.23 -10.29
N LEU A 52 0.65 20.34 -9.91
CA LEU A 52 0.97 19.31 -8.93
C LEU A 52 1.53 18.08 -9.63
N GLY A 53 1.35 18.05 -10.95
CA GLY A 53 1.84 16.93 -11.73
C GLY A 53 1.15 15.63 -11.40
N GLY A 54 1.56 14.55 -12.07
CA GLY A 54 0.96 13.26 -11.82
C GLY A 54 1.81 12.40 -10.91
N ILE A 55 1.19 11.41 -10.29
CA ILE A 55 1.90 10.50 -9.41
C ILE A 55 1.77 9.06 -9.92
N PHE A 56 2.85 8.29 -9.79
CA PHE A 56 2.84 6.89 -10.22
C PHE A 56 3.66 6.06 -9.27
N VAL A 57 3.43 4.74 -9.30
CA VAL A 57 4.13 3.79 -8.44
C VAL A 57 5.45 3.45 -9.12
N ASP A 58 6.55 3.68 -8.41
CA ASP A 58 7.87 3.40 -8.97
C ASP A 58 8.72 2.72 -7.91
N PHE A 59 8.99 1.43 -8.13
CA PHE A 59 9.80 0.65 -7.21
C PHE A 59 11.26 0.62 -7.61
N VAL A 60 11.55 1.01 -8.85
CA VAL A 60 12.91 1.01 -9.37
C VAL A 60 13.72 2.25 -9.00
N GLY A 61 13.19 3.42 -9.36
CA GLY A 61 13.90 4.65 -9.07
C GLY A 61 13.17 5.64 -8.20
N GLY A 62 13.53 6.91 -8.35
CA GLY A 62 12.91 7.97 -7.60
C GLY A 62 13.12 7.92 -6.10
N ALA A 63 12.10 8.38 -5.38
CA ALA A 63 12.12 8.39 -3.91
C ALA A 63 12.32 7.00 -3.33
N ALA A 65 13.86 4.31 -4.55
CA ALA A 65 15.24 3.86 -4.71
C ALA A 65 16.12 4.47 -3.63
N HIS A 66 15.95 5.76 -3.38
CA HIS A 66 16.72 6.44 -2.35
C HIS A 66 16.35 5.94 -0.96
N ARG A 67 15.06 5.76 -0.71
CA ARG A 67 14.62 5.28 0.59
C ARG A 67 15.19 3.89 0.86
N ARG A 68 15.43 3.13 -0.20
CA ARG A 68 15.98 1.78 -0.04
C ARG A 68 17.42 1.82 0.47
N LYS A 69 18.13 2.91 0.17
CA LYS A 69 19.53 3.05 0.57
C LYS A 69 19.78 3.93 1.79
N PHE A 70 18.86 4.84 2.09
CA PHE A 70 19.02 5.75 3.22
C PHE A 70 17.84 5.76 4.17
N GLY A 71 16.80 5.01 3.82
CA GLY A 71 15.62 4.97 4.67
C GLY A 71 15.87 4.23 5.97
N GLY A 72 16.80 3.28 5.94
CA GLY A 72 17.12 2.54 7.14
C GLY A 72 17.04 1.05 6.89
N GLY A 73 16.30 0.65 5.85
CA GLY A 73 16.18 -0.76 5.55
C GLY A 73 15.63 -1.48 6.76
N ARG A 74 16.31 -2.53 7.22
CA ARG A 74 15.85 -3.29 8.37
C ARG A 74 15.90 -2.38 9.61
N GLY A 75 16.44 -1.17 9.42
CA GLY A 75 16.53 -0.21 10.50
C GLY A 75 15.34 0.74 10.56
N GLU A 76 14.46 0.67 9.57
CA GLU A 76 13.28 1.53 9.55
C GLU A 76 12.28 1.18 10.66
N ALA A 77 11.54 2.18 11.12
CA ALA A 77 10.56 1.98 12.17
C ALA A 77 9.57 0.87 11.81
N VAL A 78 9.00 0.93 10.61
CA VAL A 78 8.02 -0.07 10.21
C VAL A 78 8.62 -1.47 10.22
N ALA A 79 9.88 -1.61 9.80
CA ALA A 79 10.53 -2.91 9.80
C ALA A 79 10.62 -3.43 11.23
N LYS A 80 11.04 -2.58 12.15
CA LYS A 80 11.15 -2.98 13.53
C LYS A 80 9.76 -3.27 14.13
N ALA A 81 8.75 -2.58 13.63
CA ALA A 81 7.38 -2.76 14.09
C ALA A 81 6.87 -4.17 13.75
N VAL A 82 7.14 -4.63 12.53
CA VAL A 82 6.69 -5.96 12.11
C VAL A 82 7.51 -7.07 12.75
N GLY A 83 8.55 -6.68 13.48
CA GLY A 83 9.38 -7.64 14.18
C GLY A 83 10.60 -8.16 13.45
N ILE A 84 11.01 -7.49 12.39
CA ILE A 84 12.18 -7.93 11.65
C ILE A 84 13.39 -7.83 12.57
N LYS A 85 13.87 -8.97 13.04
CA LYS A 85 15.02 -9.00 13.93
C LYS A 85 15.84 -10.24 13.63
N GLY A 86 17.16 -10.06 13.59
CA GLY A 86 18.04 -11.17 13.29
C GLY A 86 17.76 -11.68 11.89
N ASP A 87 17.60 -12.99 11.74
CA ASP A 87 17.31 -13.57 10.44
C ASP A 87 15.85 -13.98 10.38
N TYR A 88 14.99 -13.19 11.00
CA TYR A 88 13.55 -13.44 11.01
C TYR A 88 12.90 -12.48 10.00
N LEU A 89 12.40 -13.04 8.90
CA LEU A 89 11.74 -12.29 7.82
C LEU A 89 10.33 -12.85 7.67
N PRO A 90 9.37 -12.32 8.45
CA PRO A 90 7.98 -12.76 8.44
C PRO A 90 7.20 -12.48 7.15
N ASP A 91 6.30 -13.39 6.82
CA ASP A 91 5.44 -13.21 5.65
C ASP A 91 4.51 -12.10 6.10
N VAL A 92 4.31 -11.12 5.23
CA VAL A 92 3.45 -9.99 5.58
C VAL A 92 2.34 -9.77 4.58
N VAL A 93 1.18 -9.38 5.10
CA VAL A 93 0.07 -9.02 4.24
C VAL A 93 -0.18 -7.55 4.55
N ASP A 94 0.04 -6.70 3.56
CA ASP A 94 -0.21 -5.27 3.68
C ASP A 94 -1.66 -5.15 3.26
N ALA A 95 -2.56 -5.10 4.23
CA ALA A 95 -3.99 -5.02 3.94
C ALA A 95 -4.50 -3.69 3.36
N THR A 96 -3.65 -2.66 3.37
CA THR A 96 -4.00 -1.33 2.86
C THR A 96 -2.96 -0.79 1.85
N ALA A 97 -2.54 -1.66 0.93
CA ALA A 97 -1.54 -1.36 -0.10
C ALA A 97 -1.16 0.11 -0.28
N GLY A 98 -2.10 0.92 -0.73
CA GLY A 98 -1.83 2.33 -0.96
C GLY A 98 -0.92 2.49 -2.17
N LEU A 99 0.15 3.25 -2.02
CA LEU A 99 1.10 3.47 -3.10
C LEU A 99 2.23 2.43 -3.09
N GLY A 100 2.15 1.52 -2.14
CA GLY A 100 3.14 0.45 -2.03
C GLY A 100 4.47 0.79 -1.39
N ARG A 101 4.61 2.00 -0.86
CA ARG A 101 5.88 2.41 -0.25
C ARG A 101 6.35 1.53 0.90
N ASP A 102 5.53 1.36 1.94
CA ASP A 102 5.93 0.53 3.05
C ASP A 102 6.02 -0.94 2.66
N ALA A 103 5.13 -1.39 1.77
CA ALA A 103 5.15 -2.77 1.35
C ALA A 103 6.49 -3.09 0.69
N PHE A 104 6.97 -2.16 -0.15
CA PHE A 104 8.24 -2.33 -0.83
C PHE A 104 9.43 -2.36 0.12
N VAL A 105 9.39 -1.53 1.15
CA VAL A 105 10.47 -1.50 2.13
C VAL A 105 10.57 -2.88 2.77
N LEU A 106 9.44 -3.44 3.19
CA LEU A 106 9.44 -4.75 3.83
C LEU A 106 9.92 -5.86 2.89
N ALA A 107 9.56 -5.76 1.61
CA ALA A 107 9.98 -6.78 0.64
C ALA A 107 11.47 -6.66 0.39
N SER A 108 11.94 -5.43 0.30
CA SER A 108 13.35 -5.16 0.04
C SER A 108 14.27 -5.69 1.14
N VAL A 109 13.76 -5.74 2.36
CA VAL A 109 14.54 -6.24 3.48
C VAL A 109 14.55 -7.77 3.47
N GLY A 110 13.62 -8.37 2.73
CA GLY A 110 13.58 -9.82 2.65
C GLY A 110 12.23 -10.48 2.89
N CYS A 111 11.26 -9.74 3.41
CA CYS A 111 9.93 -10.28 3.69
C CYS A 111 9.13 -10.57 2.42
N ARG A 112 8.33 -11.62 2.46
CA ARG A 112 7.46 -11.96 1.35
C ARG A 112 6.18 -11.20 1.66
N VAL A 113 5.86 -10.21 0.82
CA VAL A 113 4.68 -9.39 1.05
C VAL A 113 3.58 -9.51 0.02
N ARG A 114 2.35 -9.57 0.50
CA ARG A 114 1.20 -9.62 -0.39
C ARG A 114 0.41 -8.37 -0.02
N LEU A 116 -3.01 -6.06 -0.40
CA LEU A 116 -4.43 -6.12 -0.70
C LEU A 116 -4.89 -4.70 -0.98
N GLU A 117 -5.45 -4.48 -2.15
CA GLU A 117 -5.96 -3.17 -2.52
C GLU A 117 -7.38 -3.34 -3.03
N ARG A 118 -8.32 -2.63 -2.43
CA ARG A 118 -9.72 -2.71 -2.82
C ARG A 118 -10.12 -1.67 -3.86
N ASN A 119 -9.40 -0.55 -3.91
CA ASN A 119 -9.72 0.51 -4.86
C ASN A 119 -9.18 0.13 -6.25
N PRO A 120 -10.06 -0.09 -7.23
CA PRO A 120 -9.65 -0.47 -8.60
C PRO A 120 -8.65 0.46 -9.30
N VAL A 121 -8.78 1.77 -9.12
CA VAL A 121 -7.82 2.68 -9.75
C VAL A 121 -6.44 2.49 -9.10
N VAL A 122 -6.40 2.38 -7.77
CA VAL A 122 -5.13 2.21 -7.06
C VAL A 122 -4.50 0.86 -7.42
N ALA A 123 -5.32 -0.16 -7.63
CA ALA A 123 -4.80 -1.47 -8.01
C ALA A 123 -4.18 -1.36 -9.40
N ALA A 124 -4.83 -0.61 -10.28
CA ALA A 124 -4.28 -0.43 -11.63
C ALA A 124 -2.92 0.30 -11.52
N LEU A 125 -2.84 1.30 -10.65
CA LEU A 125 -1.59 2.04 -10.46
C LEU A 125 -0.49 1.14 -9.87
N LEU A 126 -0.87 0.32 -8.88
CA LEU A 126 0.10 -0.59 -8.26
C LEU A 126 0.49 -1.66 -9.27
N ASP A 127 -0.49 -2.16 -10.01
CA ASP A 127 -0.20 -3.19 -10.99
C ASP A 127 0.84 -2.72 -12.00
N ASP A 128 0.70 -1.47 -12.45
CA ASP A 128 1.62 -0.87 -13.41
C ASP A 128 3.01 -0.72 -12.79
N GLY A 129 3.04 -0.41 -11.49
CA GLY A 129 4.31 -0.27 -10.80
C GLY A 129 5.02 -1.61 -10.73
N LEU A 130 4.25 -2.67 -10.49
CA LEU A 130 4.84 -4.02 -10.42
C LEU A 130 5.41 -4.47 -11.76
N THR A 131 4.66 -4.22 -12.82
CA THR A 131 5.12 -4.61 -14.15
C THR A 131 6.49 -4.01 -14.41
N ARG A 132 6.60 -2.70 -14.28
CA ARG A 132 7.88 -2.06 -14.50
C ARG A 132 8.91 -2.60 -13.50
N GLY A 133 8.48 -2.88 -12.27
CA GLY A 133 9.39 -3.40 -11.28
C GLY A 133 9.90 -4.80 -11.59
N TYR A 134 9.01 -5.66 -12.06
CA TYR A 134 9.39 -7.04 -12.39
C TYR A 134 10.36 -7.07 -13.58
N ALA A 135 10.26 -6.07 -14.46
CA ALA A 135 11.13 -6.01 -15.63
C ALA A 135 12.54 -5.52 -15.26
N ASP A 136 12.69 -4.94 -14.08
CA ASP A 136 14.00 -4.45 -13.66
C ASP A 136 15.02 -5.58 -13.64
N ALA A 137 16.25 -5.28 -14.07
CA ALA A 137 17.29 -6.30 -14.10
C ALA A 137 17.91 -6.52 -12.73
N ASP A 138 17.66 -5.61 -11.81
CA ASP A 138 18.23 -5.74 -10.48
C ASP A 138 17.29 -6.36 -9.45
N ILE A 139 16.06 -5.83 -9.37
CA ILE A 139 15.10 -6.34 -8.40
C ILE A 139 13.99 -7.19 -9.04
N GLY A 140 13.84 -7.05 -10.35
CA GLY A 140 12.81 -7.79 -11.07
C GLY A 140 12.58 -9.21 -10.59
N GLY A 141 13.67 -9.97 -10.47
CA GLY A 141 13.59 -11.36 -10.05
C GLY A 141 13.01 -11.61 -8.67
N TRP A 142 13.55 -11.00 -7.63
CA TRP A 142 13.01 -11.25 -6.30
C TRP A 142 11.71 -10.50 -6.03
N LEU A 143 11.49 -9.37 -6.70
CA LEU A 143 10.27 -8.61 -6.47
C LEU A 143 9.04 -9.44 -6.80
N GLN A 144 9.12 -10.24 -7.86
CA GLN A 144 8.02 -11.10 -8.31
C GLN A 144 7.59 -12.09 -7.23
N GLU A 145 8.54 -12.54 -6.43
CA GLU A 145 8.20 -13.49 -5.38
C GLU A 145 7.87 -12.79 -4.06
N ARG A 146 8.60 -11.72 -3.73
CA ARG A 146 8.36 -11.05 -2.46
C ARG A 146 7.36 -9.90 -2.41
N LEU A 147 6.83 -9.48 -3.56
CA LEU A 147 5.85 -8.40 -3.54
C LEU A 147 4.76 -8.66 -4.58
N GLN A 148 3.62 -9.12 -4.10
CA GLN A 148 2.50 -9.44 -4.96
C GLN A 148 1.26 -8.60 -4.61
N LEU A 149 0.37 -8.47 -5.58
CA LEU A 149 -0.85 -7.70 -5.41
C LEU A 149 -2.10 -8.53 -5.55
N ILE A 150 -3.06 -8.27 -4.67
CA ILE A 150 -4.37 -8.94 -4.65
C ILE A 150 -5.40 -7.82 -4.63
N HIS A 151 -6.31 -7.83 -5.60
CA HIS A 151 -7.35 -6.81 -5.69
C HIS A 151 -8.63 -7.30 -5.03
N ALA A 152 -8.99 -6.70 -3.89
CA ALA A 152 -10.20 -7.05 -3.15
C ALA A 152 -10.27 -6.25 -1.84
N SER A 153 -11.30 -6.50 -1.02
CA SER A 153 -11.43 -5.79 0.25
C SER A 153 -10.76 -6.59 1.35
N SER A 154 -10.08 -5.89 2.27
CA SER A 154 -9.39 -6.54 3.37
C SER A 154 -10.32 -6.81 4.55
N LEU A 155 -11.60 -6.50 4.37
CA LEU A 155 -12.58 -6.72 5.41
C LEU A 155 -13.40 -7.99 5.15
N THR A 156 -13.09 -8.67 4.05
CA THR A 156 -13.81 -9.89 3.69
C THR A 156 -12.92 -10.91 3.01
N ALA A 157 -11.99 -10.43 2.20
CA ALA A 157 -11.06 -11.30 1.49
C ALA A 157 -9.79 -11.51 2.29
N LEU A 158 -9.69 -10.89 3.46
CA LEU A 158 -8.51 -11.01 4.30
C LEU A 158 -8.52 -12.33 5.07
N THR A 159 -9.69 -12.70 5.57
CA THR A 159 -9.84 -13.94 6.33
C THR A 159 -9.71 -15.15 5.42
N ASP A 160 -9.78 -14.91 4.11
CA ASP A 160 -9.67 -15.97 3.13
C ASP A 160 -8.23 -16.14 2.65
N ILE A 161 -7.35 -15.26 3.11
CA ILE A 161 -5.94 -15.32 2.74
C ILE A 161 -5.25 -16.54 3.33
N THR A 162 -4.54 -17.28 2.48
CA THR A 162 -3.82 -18.47 2.91
C THR A 162 -2.67 -18.80 1.93
N PRO A 163 -1.53 -19.30 2.45
CA PRO A 163 -1.28 -19.59 3.88
C PRO A 163 -1.25 -18.31 4.71
N ARG A 164 -1.65 -18.41 5.97
CA ARG A 164 -1.69 -17.25 6.85
C ARG A 164 -0.31 -16.64 7.12
N PRO A 165 -0.21 -15.31 7.07
CA PRO A 165 1.06 -14.62 7.31
C PRO A 165 1.27 -14.43 8.81
N GLN A 166 2.52 -14.22 9.21
CA GLN A 166 2.80 -13.99 10.62
C GLN A 166 2.41 -12.54 10.96
N VAL A 167 2.49 -11.64 10.00
CA VAL A 167 2.18 -10.24 10.25
C VAL A 167 1.21 -9.60 9.27
N VAL A 168 0.33 -8.75 9.78
CA VAL A 168 -0.59 -8.01 8.94
C VAL A 168 -0.34 -6.53 9.18
N TYR A 169 -0.07 -5.79 8.11
CA TYR A 169 0.21 -4.35 8.22
C TYR A 169 -0.99 -3.53 7.79
N LEU A 170 -1.28 -2.50 8.59
CA LEU A 170 -2.42 -1.62 8.34
C LEU A 170 -2.06 -0.13 8.38
N ASP A 171 -2.41 0.58 7.32
CA ASP A 171 -2.16 2.02 7.25
C ASP A 171 -3.27 2.69 6.44
N PRO A 172 -4.52 2.59 6.93
CA PRO A 172 -5.67 3.19 6.25
C PRO A 172 -5.55 4.70 6.19
N PHE A 174 -6.06 8.18 6.93
CA PHE A 174 -6.55 8.88 8.11
C PHE A 174 -7.16 10.21 7.69
N PRO A 175 -8.20 10.68 8.40
CA PRO A 175 -8.86 11.95 8.09
C PRO A 175 -7.96 13.14 8.44
N HIS A 176 -6.80 13.23 7.80
CA HIS A 176 -5.84 14.31 8.05
C HIS A 176 -6.49 15.69 8.07
N ARG A 177 -6.21 16.42 9.14
CA ARG A 177 -6.74 17.77 9.34
C ARG A 177 -5.67 18.82 9.12
N GLN A 178 -4.47 18.55 9.63
CA GLN A 178 -3.35 19.50 9.49
C GLN A 178 -2.96 19.71 8.05
N LYS A 179 -2.86 20.99 7.65
CA LYS A 179 -2.50 21.32 6.28
C LYS A 179 -1.03 20.98 6.05
N SER A 180 -0.32 20.64 7.11
CA SER A 180 1.09 20.27 7.03
C SER A 180 1.22 18.91 6.35
N ALA A 181 0.22 18.07 6.59
CA ALA A 181 0.19 16.73 6.01
C ALA A 181 -0.30 16.82 4.57
N LEU A 182 -0.96 17.93 4.25
CA LEU A 182 -1.48 18.18 2.91
C LEU A 182 -0.64 19.22 2.16
N VAL A 183 0.67 19.06 2.22
CA VAL A 183 1.57 19.97 1.53
C VAL A 183 2.15 19.27 0.31
N LYS A 184 2.70 18.08 0.55
CA LYS A 184 3.30 17.29 -0.53
C LYS A 184 2.24 16.91 -1.56
N LYS A 185 2.65 16.87 -2.82
CA LYS A 185 1.75 16.52 -3.91
C LYS A 185 1.23 15.09 -3.79
N GLU A 186 2.14 14.15 -3.53
CA GLU A 186 1.80 12.75 -3.40
C GLU A 186 0.53 12.54 -2.58
N ARG A 188 -1.65 15.12 -1.55
CA ARG A 188 -2.73 15.98 -2.00
C ARG A 188 -3.45 15.32 -3.17
N VAL A 189 -2.72 14.53 -3.95
CA VAL A 189 -3.34 13.86 -5.09
C VAL A 189 -4.01 12.56 -4.67
N PHE A 190 -3.26 11.67 -4.02
CA PHE A 190 -3.80 10.38 -3.60
C PHE A 190 -5.04 10.53 -2.74
N GLN A 191 -5.01 11.49 -1.80
CA GLN A 191 -6.16 11.71 -0.91
C GLN A 191 -7.40 12.21 -1.67
N SER A 192 -7.17 12.93 -2.78
CA SER A 192 -8.30 13.43 -3.56
C SER A 192 -8.94 12.29 -4.35
N LEU A 193 -8.26 11.14 -4.42
CA LEU A 193 -8.80 9.99 -5.13
C LEU A 193 -9.54 9.04 -4.19
N VAL A 194 -8.84 8.51 -3.20
CA VAL A 194 -9.40 7.56 -2.27
C VAL A 194 -10.16 8.17 -1.10
N GLY A 195 -9.66 9.31 -0.61
CA GLY A 195 -10.30 9.98 0.51
C GLY A 195 -10.11 9.20 1.79
N PRO A 196 -10.59 9.72 2.92
CA PRO A 196 -10.45 9.03 4.20
C PRO A 196 -11.18 7.67 4.17
N ASP A 197 -10.59 6.64 4.79
CA ASP A 197 -11.26 5.34 4.82
C ASP A 197 -12.26 5.39 5.97
N LEU A 198 -13.48 5.76 5.63
CA LEU A 198 -14.57 5.88 6.60
C LEU A 198 -14.75 4.65 7.48
N ASP A 199 -14.53 3.47 6.89
CA ASP A 199 -14.68 2.20 7.61
C ASP A 199 -13.35 1.61 8.13
N ALA A 200 -12.36 2.46 8.37
CA ALA A 200 -11.05 1.98 8.84
C ALA A 200 -11.06 1.17 10.13
N ASP A 201 -11.90 1.54 11.10
CA ASP A 201 -11.95 0.82 12.36
C ASP A 201 -12.29 -0.67 12.21
N GLY A 202 -12.96 -1.02 11.12
CA GLY A 202 -13.32 -2.42 10.92
C GLY A 202 -12.18 -3.30 10.47
N LEU A 203 -11.02 -2.71 10.19
CA LEU A 203 -9.86 -3.49 9.73
C LEU A 203 -9.11 -4.28 10.82
N LEU A 204 -9.07 -3.74 12.03
CA LEU A 204 -8.35 -4.40 13.12
C LEU A 204 -8.78 -5.84 13.44
N GLU A 205 -10.06 -6.03 13.69
CA GLU A 205 -10.60 -7.34 14.01
C GLU A 205 -10.12 -8.41 13.02
N PRO A 206 -10.53 -8.31 11.75
CA PRO A 206 -10.08 -9.31 10.77
C PRO A 206 -8.56 -9.41 10.59
N ALA A 207 -7.85 -8.31 10.85
CA ALA A 207 -6.39 -8.30 10.71
C ALA A 207 -5.75 -9.16 11.80
N ARG A 208 -6.33 -9.13 13.00
CA ARG A 208 -5.77 -9.91 14.09
C ARG A 208 -6.10 -11.40 13.96
N GLN A 209 -7.13 -11.72 13.18
CA GLN A 209 -7.51 -13.12 12.98
C GLN A 209 -6.61 -13.78 11.93
N LEU A 210 -6.19 -13.00 10.94
CA LEU A 210 -5.33 -13.52 9.89
C LEU A 210 -3.91 -13.74 10.39
N ALA A 211 -3.31 -12.66 10.92
CA ALA A 211 -1.96 -12.70 11.44
C ALA A 211 -1.80 -13.76 12.52
N THR A 212 -0.74 -14.55 12.40
CA THR A 212 -0.48 -15.59 13.38
C THR A 212 0.46 -15.08 14.47
N LYS A 213 1.01 -13.89 14.29
CA LYS A 213 1.91 -13.35 15.29
C LYS A 213 1.66 -11.88 15.63
N ARG A 214 1.59 -11.02 14.61
CA ARG A 214 1.44 -9.60 14.90
C ARG A 214 0.74 -8.75 13.86
N VAL A 215 0.11 -7.68 14.34
CA VAL A 215 -0.55 -6.71 13.48
C VAL A 215 0.05 -5.35 13.82
N VAL A 216 0.48 -4.65 12.78
CA VAL A 216 1.09 -3.33 12.94
C VAL A 216 0.16 -2.30 12.32
N VAL A 217 -0.12 -1.22 13.06
CA VAL A 217 -0.99 -0.18 12.53
C VAL A 217 -0.28 1.17 12.54
N LYS A 218 -0.05 1.75 11.37
CA LYS A 218 0.61 3.05 11.33
C LYS A 218 -0.44 4.09 11.71
N ARG A 219 -0.09 5.00 12.63
CA ARG A 219 -1.02 6.02 13.08
C ARG A 219 -0.30 7.37 13.27
N PRO A 220 -0.90 8.46 12.78
CA PRO A 220 -0.23 9.75 12.96
C PRO A 220 -0.24 10.14 14.44
N ASP A 221 0.63 11.05 14.83
CA ASP A 221 0.70 11.45 16.24
C ASP A 221 -0.63 11.95 16.77
N TYR A 222 -0.88 11.65 18.04
CA TYR A 222 -2.09 12.06 18.74
C TYR A 222 -3.35 11.37 18.21
N ALA A 223 -3.21 10.64 17.11
CA ALA A 223 -4.35 9.93 16.55
C ALA A 223 -4.71 8.77 17.47
N PRO A 224 -6.00 8.54 17.68
CA PRO A 224 -6.50 7.47 18.54
C PRO A 224 -6.16 6.12 17.91
N PRO A 225 -6.04 5.07 18.74
CA PRO A 225 -5.74 3.73 18.22
C PRO A 225 -6.91 3.25 17.36
N LEU A 226 -6.62 2.39 16.39
CA LEU A 226 -7.65 1.88 15.50
C LEU A 226 -8.71 1.13 16.32
N ALA A 227 -9.97 1.34 15.97
CA ALA A 227 -11.10 0.69 16.66
C ALA A 227 -11.10 1.02 18.15
N ASP A 228 -10.34 2.05 18.52
CA ASP A 228 -10.21 2.48 19.91
C ASP A 228 -9.66 1.40 20.82
N VAL A 229 -9.02 0.39 20.24
CA VAL A 229 -8.43 -0.69 21.03
C VAL A 229 -7.03 -0.30 21.48
N ALA A 230 -6.88 0.00 22.76
CA ALA A 230 -5.57 0.40 23.28
C ALA A 230 -4.54 -0.72 23.25
N THR A 231 -3.27 -0.32 23.27
CA THR A 231 -2.18 -1.27 23.27
C THR A 231 -0.93 -0.58 23.81
N PRO A 232 -0.22 -1.24 24.73
CA PRO A 232 1.00 -0.69 25.32
C PRO A 232 2.23 -0.89 24.44
N ASN A 233 2.06 -1.66 23.37
CA ASN A 233 3.16 -1.95 22.45
C ASN A 233 3.12 -1.03 21.22
N ALA A 234 4.14 -0.19 21.08
CA ALA A 234 4.19 0.73 19.95
C ALA A 234 5.55 1.39 19.75
N ILE A 235 5.93 1.58 18.49
CA ILE A 235 7.18 2.23 18.15
C ILE A 235 6.88 3.66 17.71
N VAL A 236 7.39 4.64 18.45
CA VAL A 236 7.16 6.03 18.12
C VAL A 236 8.25 6.55 17.18
N THR A 237 7.85 7.06 16.02
CA THR A 237 8.82 7.58 15.06
C THR A 237 8.70 9.10 14.99
N LYS A 238 8.98 9.65 13.80
CA LYS A 238 8.91 11.10 13.61
C LYS A 238 7.63 11.48 12.87
N GLY A 239 6.64 11.94 13.64
CA GLY A 239 5.37 12.33 13.04
C GLY A 239 4.29 11.29 13.22
N HIS A 240 4.71 10.05 13.45
CA HIS A 240 3.72 8.99 13.65
C HIS A 240 4.27 7.86 14.50
N ARG A 241 3.39 6.91 14.80
CA ARG A 241 3.75 5.75 15.60
C ARG A 241 3.13 4.50 14.97
N PHE A 242 3.61 3.36 15.41
CA PHE A 242 3.14 2.06 14.94
C PHE A 242 2.60 1.24 16.10
N ASP A 243 1.27 1.15 16.23
CA ASP A 243 0.68 0.36 17.30
C ASP A 243 0.88 -1.11 16.97
N ILE A 244 1.11 -1.93 18.00
CA ILE A 244 1.35 -3.36 17.79
C ILE A 244 0.36 -4.22 18.57
N TYR A 245 -0.26 -5.17 17.87
CA TYR A 245 -1.24 -6.06 18.49
C TYR A 245 -0.88 -7.51 18.24
N ALA A 246 -1.51 -8.40 18.99
CA ALA A 246 -1.28 -9.83 18.82
C ALA A 246 -2.21 -10.35 17.74
N GLY A 247 -1.87 -11.51 17.18
CA GLY A 247 -2.70 -12.10 16.15
C GLY A 247 -3.46 -13.29 16.69
N THR A 248 -3.61 -14.33 15.87
CA THR A 248 -4.33 -15.54 16.26
C THR A 248 -3.44 -16.75 15.94
N PRO A 249 -2.94 -17.44 16.98
CA PRO A 249 -2.08 -18.61 16.82
C PRO A 249 -2.62 -19.65 15.86
N LEU A 250 -1.72 -20.47 15.33
CA LEU A 250 -2.09 -21.53 14.42
C LEU A 250 -3.08 -22.48 15.09
N THR A 251 -3.75 -23.31 14.30
CA THR A 251 -4.72 -24.26 14.84
C THR A 251 -4.38 -25.70 14.47
N GLU A 252 -4.37 -26.00 13.18
CA GLU A 252 -4.07 -27.37 12.72
C GLU A 252 -2.56 -27.62 12.78
N LEU A 253 -1.79 -26.62 12.35
CA LEU A 253 -0.34 -26.75 12.40
C LEU A 253 0.12 -28.05 11.73
N GLU A 254 -0.26 -28.23 10.47
CA GLU A 254 0.12 -29.41 9.70
C GLU A 254 0.45 -30.64 10.54
#